data_5BTQ
#
_entry.id   5BTQ
#
_cell.length_a   61.700
_cell.length_b   54.740
_cell.length_c   72.510
_cell.angle_alpha   90.00
_cell.angle_beta   99.37
_cell.angle_gamma   90.00
#
_symmetry.space_group_name_H-M   'P 1 21 1'
#
loop_
_entity.id
_entity.type
_entity.pdbx_description
1 polymer 'Heme oxygenase 1'
2 non-polymer 'BILIVERDINE IX ALPHA'
3 non-polymer 'SULFATE ION'
4 water water
#
_entity_poly.entity_id   1
_entity_poly.type   'polypeptide(L)'
_entity_poly.pdbx_seq_one_letter_code
;GSHMMERPQPDSMPQDLSEALKEATKEVRTQAENAEFMRNFQKGQVTRDGFKLVMASLYHIYVALEEEIERNKESPVFAP
VYFPEELHRKAALEQDLAFWYGPRWQEVIPYTPAMQRYVKRLHEVGRTEPELLVAHAYTRYLGDLSGGQVLKKIAQKALD
LPSSGEGLAFFTFPNIASATKFKQLYRSRMNSLEMTPAVRQRVIEEAKTAFLLNIQLFEELQELLTHDTKDQSPSRA
;
_entity_poly.pdbx_strand_id   A,B
#
loop_
_chem_comp.id
_chem_comp.type
_chem_comp.name
_chem_comp.formula
BLA non-polymer 'BILIVERDINE IX ALPHA' 'C33 H34 N4 O6'
SO4 non-polymer 'SULFATE ION' 'O4 S -2'
#
# COMPACT_ATOMS: atom_id res chain seq x y z
N GLN A 15 -33.10 -15.72 1.93
CA GLN A 15 -32.87 -16.59 0.72
C GLN A 15 -31.38 -16.58 0.21
N ASP A 16 -30.97 -15.48 -0.39
CA ASP A 16 -29.56 -15.29 -0.74
C ASP A 16 -28.72 -15.23 0.53
N LEU A 17 -27.52 -15.81 0.50
CA LEU A 17 -26.60 -15.75 1.63
C LEU A 17 -26.34 -14.32 2.12
N SER A 18 -26.16 -13.36 1.20
CA SER A 18 -25.96 -11.95 1.60
C SER A 18 -27.14 -11.35 2.34
N GLU A 19 -28.35 -11.75 1.92
CA GLU A 19 -29.59 -11.33 2.62
C GLU A 19 -29.66 -11.95 4.01
N ALA A 20 -29.30 -13.23 4.10
CA ALA A 20 -29.39 -13.93 5.34
C ALA A 20 -28.36 -13.39 6.34
N LEU A 21 -27.17 -13.07 5.83
CA LEU A 21 -26.12 -12.47 6.66
C LEU A 21 -26.54 -11.15 7.26
N LYS A 22 -27.05 -10.28 6.39
CA LYS A 22 -27.52 -8.95 6.80
C LYS A 22 -28.64 -9.01 7.84
N GLU A 23 -29.61 -9.89 7.61
CA GLU A 23 -30.74 -10.05 8.53
C GLU A 23 -30.27 -10.65 9.87
N ALA A 24 -29.43 -11.69 9.82
CA ALA A 24 -29.00 -12.37 11.04
C ALA A 24 -28.06 -11.55 11.95
N THR A 25 -27.33 -10.58 11.41
CA THR A 25 -26.37 -9.81 12.19
C THR A 25 -26.84 -8.39 12.49
N LYS A 26 -28.07 -8.08 12.17
CA LYS A 26 -28.61 -6.74 12.38
C LYS A 26 -28.59 -6.29 13.86
N GLU A 27 -28.87 -7.22 14.75
CA GLU A 27 -28.83 -6.92 16.18
C GLU A 27 -27.39 -6.74 16.68
N VAL A 28 -26.49 -7.71 16.44
CA VAL A 28 -25.08 -7.52 16.87
C VAL A 28 -24.41 -6.29 16.23
N ARG A 29 -24.78 -5.98 14.98
CA ARG A 29 -24.28 -4.81 14.32
C ARG A 29 -24.69 -3.52 15.06
N THR A 30 -25.92 -3.46 15.55
CA THR A 30 -26.38 -2.29 16.31
C THR A 30 -25.61 -2.20 17.63
N GLN A 31 -25.36 -3.35 18.22
CA GLN A 31 -24.56 -3.43 19.43
C GLN A 31 -23.17 -2.88 19.22
N ALA A 32 -22.57 -3.19 18.07
CA ALA A 32 -21.24 -2.70 17.72
C ALA A 32 -21.24 -1.17 17.58
N GLU A 33 -22.23 -0.65 16.87
CA GLU A 33 -22.43 0.80 16.76
C GLU A 33 -22.69 1.51 18.10
N ASN A 34 -23.30 0.80 19.02
CA ASN A 34 -23.61 1.33 20.35
C ASN A 34 -22.53 1.20 21.38
N ALA A 35 -21.50 0.40 21.08
CA ALA A 35 -20.35 0.29 21.95
C ALA A 35 -19.83 1.73 22.21
N GLU A 36 -19.55 2.02 23.47
CA GLU A 36 -19.17 3.37 23.85
C GLU A 36 -18.07 4.01 23.01
N PHE A 37 -16.98 3.26 22.76
CA PHE A 37 -15.88 3.77 21.93
C PHE A 37 -16.31 4.21 20.51
N MET A 38 -17.12 3.40 19.85
CA MET A 38 -17.69 3.74 18.54
C MET A 38 -18.70 4.88 18.57
N ARG A 39 -19.61 4.86 19.56
CA ARG A 39 -20.53 5.99 19.75
C ARG A 39 -19.76 7.30 19.81
N ASN A 40 -18.73 7.35 20.64
CA ASN A 40 -17.86 8.53 20.71
C ASN A 40 -17.13 8.82 19.43
N PHE A 41 -16.54 7.80 18.82
CA PHE A 41 -15.90 8.03 17.52
C PHE A 41 -16.94 8.72 16.59
N GLN A 42 -18.14 8.14 16.48
CA GLN A 42 -19.19 8.64 15.54
C GLN A 42 -19.57 10.07 15.79
N LYS A 43 -19.49 10.53 17.03
CA LYS A 43 -19.85 11.91 17.31
C LYS A 43 -18.64 12.85 17.34
N GLY A 44 -17.50 12.42 16.78
CA GLY A 44 -16.28 13.25 16.73
C GLY A 44 -15.44 13.32 17.99
N GLN A 45 -15.76 12.49 18.99
CA GLN A 45 -14.95 12.39 20.19
C GLN A 45 -14.06 11.19 20.03
N VAL A 46 -12.87 11.45 19.52
CA VAL A 46 -11.85 10.43 19.35
C VAL A 46 -10.53 11.15 19.59
N THR A 47 -9.62 10.51 20.27
CA THR A 47 -8.32 11.14 20.57
C THR A 47 -7.27 10.49 19.68
N ARG A 48 -6.08 11.09 19.62
CA ARG A 48 -4.96 10.46 18.92
C ARG A 48 -4.60 9.12 19.55
N ASP A 49 -4.60 9.04 20.87
CA ASP A 49 -4.32 7.74 21.54
C ASP A 49 -5.35 6.66 21.22
N GLY A 50 -6.61 7.04 21.10
CA GLY A 50 -7.65 6.09 20.78
C GLY A 50 -7.56 5.65 19.32
N PHE A 51 -7.37 6.62 18.42
CA PHE A 51 -7.29 6.32 17.01
C PHE A 51 -6.09 5.39 16.74
N LYS A 52 -4.97 5.69 17.39
CA LYS A 52 -3.78 4.87 17.24
C LYS A 52 -4.05 3.43 17.62
N LEU A 53 -4.78 3.24 18.71
CA LEU A 53 -5.12 1.92 19.16
C LEU A 53 -6.00 1.17 18.19
N VAL A 54 -6.97 1.86 17.58
CA VAL A 54 -7.79 1.14 16.58
C VAL A 54 -7.02 0.78 15.31
N MET A 55 -6.13 1.66 14.87
CA MET A 55 -5.33 1.36 13.69
C MET A 55 -4.41 0.16 13.95
N ALA A 56 -3.79 0.12 15.14
CA ALA A 56 -2.94 -0.99 15.50
C ALA A 56 -3.80 -2.24 15.49
N SER A 57 -5.00 -2.18 16.09
CA SER A 57 -5.93 -3.35 16.05
C SER A 57 -6.21 -3.89 14.63
N LEU A 58 -6.58 -2.97 13.74
CA LEU A 58 -6.92 -3.34 12.38
C LEU A 58 -5.71 -3.95 11.67
N TYR A 59 -4.51 -3.43 11.94
CA TYR A 59 -3.31 -4.02 11.31
C TYR A 59 -3.19 -5.50 11.71
N HIS A 60 -3.31 -5.80 13.01
CA HIS A 60 -3.16 -7.20 13.43
C HIS A 60 -4.26 -8.07 12.80
N ILE A 61 -5.47 -7.53 12.77
CA ILE A 61 -6.62 -8.24 12.27
C ILE A 61 -6.43 -8.52 10.79
N TYR A 62 -6.08 -7.51 10.02
CA TYR A 62 -5.95 -7.69 8.56
C TYR A 62 -4.77 -8.56 8.20
N VAL A 63 -3.70 -8.51 8.99
CA VAL A 63 -2.53 -9.39 8.74
C VAL A 63 -2.99 -10.85 8.76
N ALA A 64 -3.79 -11.19 9.79
CA ALA A 64 -4.24 -12.52 9.99
C ALA A 64 -5.22 -12.91 8.92
N LEU A 65 -6.21 -12.05 8.68
CA LEU A 65 -7.22 -12.33 7.69
C LEU A 65 -6.60 -12.56 6.35
N GLU A 66 -5.69 -11.66 5.95
CA GLU A 66 -5.13 -11.72 4.60
C GLU A 66 -4.18 -12.88 4.41
N GLU A 67 -3.52 -13.26 5.48
CA GLU A 67 -2.69 -14.45 5.48
C GLU A 67 -3.55 -15.66 5.19
N GLU A 68 -4.68 -15.74 5.87
CA GLU A 68 -5.60 -16.88 5.69
C GLU A 68 -6.33 -16.85 4.37
N ILE A 69 -6.60 -15.68 3.83
CA ILE A 69 -7.17 -15.59 2.48
C ILE A 69 -6.17 -16.15 1.51
N GLU A 70 -4.90 -15.80 1.66
CA GLU A 70 -3.84 -16.27 0.77
C GLU A 70 -3.65 -17.80 0.81
N ARG A 71 -3.71 -18.40 1.99
CA ARG A 71 -3.71 -19.85 2.11
C ARG A 71 -4.87 -20.49 1.34
N ASN A 72 -6.05 -19.88 1.39
CA ASN A 72 -7.26 -20.49 0.90
C ASN A 72 -7.81 -19.97 -0.43
N LYS A 73 -7.05 -19.12 -1.11
CA LYS A 73 -7.59 -18.39 -2.25
C LYS A 73 -8.07 -19.27 -3.40
N GLU A 74 -7.48 -20.46 -3.54
CA GLU A 74 -7.85 -21.39 -4.61
C GLU A 74 -8.86 -22.45 -4.25
N SER A 75 -9.20 -22.55 -2.96
CA SER A 75 -10.22 -23.50 -2.57
C SER A 75 -11.59 -23.03 -3.09
N PRO A 76 -12.44 -23.98 -3.52
CA PRO A 76 -13.81 -23.64 -3.90
C PRO A 76 -14.58 -22.92 -2.81
N VAL A 77 -14.20 -23.07 -1.53
CA VAL A 77 -14.98 -22.39 -0.46
C VAL A 77 -14.66 -20.90 -0.28
N PHE A 78 -13.66 -20.37 -1.00
CA PHE A 78 -13.36 -18.92 -0.98
C PHE A 78 -13.07 -18.27 -2.33
N ALA A 79 -12.49 -19.01 -3.26
CA ALA A 79 -12.12 -18.47 -4.57
C ALA A 79 -13.06 -17.46 -5.21
N PRO A 80 -14.37 -17.70 -5.19
CA PRO A 80 -15.27 -16.73 -5.82
C PRO A 80 -15.35 -15.34 -5.20
N VAL A 81 -14.95 -15.21 -3.92
CA VAL A 81 -14.89 -13.90 -3.26
C VAL A 81 -13.45 -13.44 -3.07
N TYR A 82 -12.55 -13.97 -3.90
CA TYR A 82 -11.17 -13.56 -3.85
C TYR A 82 -10.96 -12.30 -4.75
N PHE A 83 -10.80 -11.13 -4.10
CA PHE A 83 -10.59 -9.85 -4.76
C PHE A 83 -9.37 -9.14 -4.13
N PRO A 84 -8.14 -9.66 -4.40
CA PRO A 84 -6.95 -9.19 -3.75
C PRO A 84 -6.64 -7.73 -4.07
N GLU A 85 -6.71 -7.33 -5.32
CA GLU A 85 -6.30 -5.98 -5.68
C GLU A 85 -7.29 -4.96 -5.16
N GLU A 86 -8.57 -5.28 -5.22
CA GLU A 86 -9.60 -4.35 -4.79
C GLU A 86 -9.66 -4.13 -3.30
N LEU A 87 -9.36 -5.18 -2.52
CA LEU A 87 -9.65 -5.13 -1.10
C LEU A 87 -8.46 -5.15 -0.17
N HIS A 88 -7.28 -5.58 -0.60
CA HIS A 88 -6.20 -5.78 0.37
C HIS A 88 -5.92 -4.49 1.16
N ARG A 89 -5.82 -4.63 2.48
CA ARG A 89 -5.62 -3.51 3.42
C ARG A 89 -4.27 -3.49 4.21
N LYS A 90 -3.53 -4.60 4.24
CA LYS A 90 -2.29 -4.66 5.00
C LYS A 90 -1.28 -3.54 4.62
N ALA A 91 -1.06 -3.35 3.32
CA ALA A 91 -0.12 -2.30 2.89
C ALA A 91 -0.55 -0.92 3.34
N ALA A 92 -1.84 -0.58 3.16
CA ALA A 92 -2.36 0.70 3.61
C ALA A 92 -2.16 0.90 5.10
N LEU A 93 -2.37 -0.15 5.89
CA LEU A 93 -2.15 -0.02 7.34
C LEU A 93 -0.65 0.11 7.75
N GLU A 94 0.22 -0.57 7.01
CA GLU A 94 1.67 -0.40 7.18
C GLU A 94 2.09 1.05 6.96
N GLN A 95 1.60 1.64 5.86
CA GLN A 95 1.81 3.06 5.63
C GLN A 95 1.31 3.95 6.78
N ASP A 96 0.07 3.73 7.22
CA ASP A 96 -0.48 4.60 8.28
C ASP A 96 0.26 4.42 9.62
N LEU A 97 0.61 3.19 9.98
CA LEU A 97 1.26 2.99 11.26
C LEU A 97 2.68 3.58 11.28
N ALA A 98 3.39 3.58 10.16
CA ALA A 98 4.65 4.30 10.08
C ALA A 98 4.47 5.77 10.40
N PHE A 99 3.38 6.35 9.93
CA PHE A 99 3.07 7.73 10.26
C PHE A 99 2.72 7.87 11.74
N TRP A 100 1.80 7.05 12.23
CA TRP A 100 1.28 7.22 13.60
C TRP A 100 2.28 6.83 14.70
N TYR A 101 3.11 5.83 14.45
CA TYR A 101 4.06 5.41 15.45
C TYR A 101 5.53 5.60 15.10
N GLY A 102 5.84 5.97 13.86
CA GLY A 102 7.21 6.19 13.43
C GLY A 102 7.85 4.96 12.78
N PRO A 103 9.12 5.06 12.36
CA PRO A 103 9.76 4.03 11.57
C PRO A 103 9.93 2.67 12.25
N ARG A 104 9.89 2.63 13.57
CA ARG A 104 9.97 1.37 14.32
C ARG A 104 8.61 0.94 14.82
N TRP A 105 7.56 1.43 14.16
CA TRP A 105 6.17 1.06 14.49
C TRP A 105 5.96 -0.42 14.71
N GLN A 106 6.55 -1.25 13.85
CA GLN A 106 6.32 -2.69 13.93
C GLN A 106 6.83 -3.28 15.27
N GLU A 107 7.83 -2.66 15.91
CA GLU A 107 8.34 -3.15 17.22
C GLU A 107 7.55 -2.57 18.38
N VAL A 108 6.88 -1.44 18.20
CA VAL A 108 6.29 -0.74 19.34
C VAL A 108 4.77 -0.71 19.37
N ILE A 109 4.09 -1.10 18.29
CA ILE A 109 2.61 -1.07 18.33
C ILE A 109 2.14 -2.08 19.39
N PRO A 110 1.06 -1.76 20.11
CA PRO A 110 0.51 -2.71 21.08
C PRO A 110 -0.18 -3.90 20.44
N TYR A 111 -0.26 -4.98 21.22
CA TYR A 111 -0.99 -6.18 20.82
C TYR A 111 -1.71 -6.68 22.04
N THR A 112 -2.96 -6.28 22.19
CA THR A 112 -3.72 -6.53 23.43
C THR A 112 -4.48 -7.86 23.43
N PRO A 113 -5.00 -8.30 24.61
CA PRO A 113 -5.79 -9.53 24.65
C PRO A 113 -6.94 -9.57 23.65
N ALA A 114 -7.72 -8.50 23.55
CA ALA A 114 -8.86 -8.52 22.62
C ALA A 114 -8.44 -8.55 21.15
N MET A 115 -7.31 -7.93 20.81
CA MET A 115 -6.74 -8.07 19.46
C MET A 115 -6.35 -9.51 19.16
N GLN A 116 -5.70 -10.13 20.12
CA GLN A 116 -5.21 -11.50 19.96
C GLN A 116 -6.33 -12.49 19.83
N ARG A 117 -7.42 -12.26 20.53
CA ARG A 117 -8.60 -13.13 20.45
C ARG A 117 -9.21 -13.09 19.04
N TYR A 118 -9.22 -11.91 18.44
CA TYR A 118 -9.72 -11.79 17.06
C TYR A 118 -8.79 -12.56 16.08
N VAL A 119 -7.51 -12.25 16.18
CA VAL A 119 -6.45 -12.89 15.39
C VAL A 119 -6.46 -14.41 15.52
N LYS A 120 -6.60 -14.88 16.75
CA LYS A 120 -6.62 -16.33 17.01
C LYS A 120 -7.78 -17.01 16.31
N ARG A 121 -8.96 -16.40 16.38
CA ARG A 121 -10.11 -16.99 15.71
C ARG A 121 -9.89 -17.04 14.19
N LEU A 122 -9.35 -15.96 13.65
CA LEU A 122 -9.11 -15.84 12.19
C LEU A 122 -8.19 -16.94 11.70
N HIS A 123 -7.13 -17.24 12.45
CA HIS A 123 -6.25 -18.35 12.10
C HIS A 123 -6.90 -19.72 12.32
N GLU A 124 -7.70 -19.89 13.37
CA GLU A 124 -8.48 -21.14 13.49
C GLU A 124 -9.34 -21.36 12.27
N VAL A 125 -10.06 -20.33 11.86
CA VAL A 125 -10.98 -20.45 10.74
C VAL A 125 -10.21 -20.78 9.47
N GLY A 126 -9.15 -20.03 9.21
CA GLY A 126 -8.38 -20.24 8.02
C GLY A 126 -7.70 -21.61 7.99
N ARG A 127 -7.39 -22.16 9.15
CA ARG A 127 -6.64 -23.40 9.21
C ARG A 127 -7.53 -24.62 9.30
N THR A 128 -8.65 -24.54 10.00
CA THR A 128 -9.46 -25.73 10.18
C THR A 128 -10.89 -25.61 9.71
N GLU A 129 -11.40 -24.41 9.46
CA GLU A 129 -12.76 -24.26 8.97
C GLU A 129 -12.84 -23.21 7.86
N PRO A 130 -11.98 -23.34 6.83
CA PRO A 130 -11.84 -22.30 5.81
C PRO A 130 -13.13 -21.95 5.12
N GLU A 131 -14.10 -22.85 5.17
CA GLU A 131 -15.44 -22.55 4.66
C GLU A 131 -16.13 -21.39 5.36
N LEU A 132 -15.64 -21.02 6.53
CA LEU A 132 -16.23 -19.91 7.29
C LEU A 132 -15.50 -18.55 7.04
N LEU A 133 -14.40 -18.58 6.29
CA LEU A 133 -13.57 -17.41 6.15
C LEU A 133 -14.36 -16.23 5.53
N VAL A 134 -15.29 -16.55 4.62
CA VAL A 134 -16.20 -15.59 3.96
C VAL A 134 -17.00 -14.73 4.91
N ALA A 135 -17.37 -15.29 6.06
CA ALA A 135 -18.08 -14.54 7.10
C ALA A 135 -17.23 -13.38 7.64
N HIS A 136 -15.95 -13.68 7.81
CA HIS A 136 -15.01 -12.69 8.31
C HIS A 136 -14.62 -11.66 7.28
N ALA A 137 -14.42 -12.11 6.04
CA ALA A 137 -14.15 -11.23 4.90
C ALA A 137 -15.29 -10.26 4.68
N TYR A 138 -16.51 -10.79 4.63
CA TYR A 138 -17.70 -9.95 4.54
C TYR A 138 -17.81 -8.85 5.61
N THR A 139 -17.68 -9.26 6.85
CA THR A 139 -17.80 -8.36 7.98
C THR A 139 -16.76 -7.19 7.91
N ARG A 140 -15.52 -7.57 7.73
CA ARG A 140 -14.44 -6.65 7.74
C ARG A 140 -14.46 -5.78 6.51
N TYR A 141 -14.35 -6.41 5.35
CA TYR A 141 -14.18 -5.65 4.10
C TYR A 141 -15.39 -4.75 3.79
N LEU A 142 -16.60 -5.29 3.82
CA LEU A 142 -17.80 -4.50 3.53
C LEU A 142 -18.12 -3.43 4.59
N GLY A 143 -17.94 -3.79 5.87
CA GLY A 143 -18.01 -2.80 6.92
C GLY A 143 -17.02 -1.65 6.71
N ASP A 144 -15.76 -1.96 6.48
CA ASP A 144 -14.72 -0.93 6.36
C ASP A 144 -14.88 -0.12 5.08
N LEU A 145 -15.21 -0.79 3.98
CA LEU A 145 -15.49 -0.08 2.74
C LEU A 145 -16.65 0.89 2.92
N SER A 146 -17.72 0.43 3.53
CA SER A 146 -18.93 1.24 3.60
C SER A 146 -18.79 2.48 4.49
N GLY A 147 -18.18 2.33 5.65
CA GLY A 147 -18.10 3.43 6.61
C GLY A 147 -16.87 4.30 6.51
N GLY A 148 -15.95 3.98 5.60
CA GLY A 148 -14.67 4.64 5.58
C GLY A 148 -14.71 6.09 5.18
N GLN A 149 -15.54 6.43 4.21
CA GLN A 149 -15.70 7.86 3.81
C GLN A 149 -16.20 8.74 4.99
N VAL A 150 -17.22 8.23 5.67
CA VAL A 150 -17.80 8.91 6.82
C VAL A 150 -16.82 9.05 7.99
N LEU A 151 -16.19 7.95 8.35
CA LEU A 151 -15.24 7.96 9.45
C LEU A 151 -13.99 8.76 9.15
N LYS A 152 -13.58 8.77 7.89
CA LYS A 152 -12.39 9.53 7.50
C LYS A 152 -12.55 11.02 7.81
N LYS A 153 -13.68 11.57 7.37
CA LYS A 153 -14.01 12.96 7.58
C LYS A 153 -14.03 13.31 9.10
N ILE A 154 -14.69 12.47 9.88
CA ILE A 154 -14.75 12.66 11.31
C ILE A 154 -13.32 12.67 11.87
N ALA A 155 -12.51 11.72 11.44
CA ALA A 155 -11.13 11.57 11.89
C ALA A 155 -10.29 12.80 11.60
N GLN A 156 -10.37 13.30 10.37
CA GLN A 156 -9.53 14.44 9.98
C GLN A 156 -9.90 15.73 10.74
N LYS A 157 -11.18 15.90 11.03
CA LYS A 157 -11.64 16.98 11.87
C LYS A 157 -11.19 16.82 13.31
N ALA A 158 -11.32 15.61 13.87
CA ALA A 158 -10.97 15.41 15.27
C ALA A 158 -9.45 15.37 15.51
N LEU A 159 -8.65 14.88 14.58
CA LEU A 159 -7.24 14.58 14.87
C LEU A 159 -6.23 15.67 14.46
N ASP A 160 -6.65 16.61 13.59
CA ASP A 160 -5.86 17.80 13.28
C ASP A 160 -4.48 17.39 12.85
N LEU A 161 -4.42 16.64 11.77
CA LEU A 161 -3.14 16.10 11.29
C LEU A 161 -2.27 17.24 10.80
N PRO A 162 -0.94 17.07 10.90
CA PRO A 162 -0.05 17.92 10.12
C PRO A 162 -0.34 17.71 8.64
N SER A 163 0.06 18.62 7.77
CA SER A 163 -0.30 18.50 6.34
C SER A 163 0.73 17.67 5.58
N SER A 164 0.98 16.46 6.05
CA SER A 164 2.14 15.71 5.59
C SER A 164 1.71 14.55 4.68
N GLY A 165 0.46 14.56 4.22
CA GLY A 165 0.02 13.62 3.17
C GLY A 165 -0.17 12.15 3.57
N GLU A 166 -0.27 11.88 4.87
CA GLU A 166 -0.32 10.49 5.34
C GLU A 166 -1.03 10.31 6.68
N GLY A 167 -1.34 9.06 6.99
CA GLY A 167 -2.02 8.73 8.23
C GLY A 167 -3.39 8.14 8.07
N LEU A 168 -4.02 8.31 6.92
CA LEU A 168 -5.36 7.82 6.71
C LEU A 168 -5.59 7.05 5.41
N ALA A 169 -4.53 6.42 4.88
CA ALA A 169 -4.66 5.60 3.70
C ALA A 169 -5.68 4.47 3.87
N PHE A 170 -5.73 3.88 5.07
CA PHE A 170 -6.71 2.82 5.34
C PHE A 170 -8.13 3.13 4.85
N PHE A 171 -8.53 4.37 4.99
CA PHE A 171 -9.89 4.78 4.64
C PHE A 171 -10.17 5.00 3.16
N THR A 172 -9.20 4.79 2.27
CA THR A 172 -9.45 4.84 0.83
C THR A 172 -9.07 3.49 0.21
N PHE A 173 -10.01 2.82 -0.47
CA PHE A 173 -9.66 1.61 -1.24
C PHE A 173 -9.40 2.09 -2.67
N PRO A 174 -8.12 2.36 -3.02
CA PRO A 174 -7.85 3.00 -4.31
C PRO A 174 -8.28 2.20 -5.53
N ASN A 175 -8.35 0.86 -5.43
CA ASN A 175 -8.66 0.05 -6.62
C ASN A 175 -10.15 -0.24 -6.76
N ILE A 176 -10.98 0.43 -5.97
CA ILE A 176 -12.44 0.42 -6.11
C ILE A 176 -12.93 1.81 -6.48
N ALA A 177 -13.39 1.97 -7.71
CA ALA A 177 -13.93 3.24 -8.16
C ALA A 177 -15.28 3.57 -7.57
N SER A 178 -16.15 2.57 -7.40
CA SER A 178 -17.47 2.77 -6.79
C SER A 178 -17.76 1.70 -5.75
N ALA A 179 -17.91 2.12 -4.50
CA ALA A 179 -18.21 1.18 -3.41
C ALA A 179 -19.54 0.45 -3.62
N THR A 180 -20.52 1.15 -4.15
CA THR A 180 -21.81 0.55 -4.45
C THR A 180 -21.72 -0.59 -5.47
N LYS A 181 -21.09 -0.31 -6.62
CA LYS A 181 -20.94 -1.35 -7.64
C LYS A 181 -20.10 -2.51 -7.16
N PHE A 182 -19.04 -2.23 -6.41
CA PHE A 182 -18.25 -3.32 -5.90
C PHE A 182 -19.07 -4.18 -4.95
N LYS A 183 -19.82 -3.54 -4.06
CA LYS A 183 -20.61 -4.32 -3.08
C LYS A 183 -21.66 -5.23 -3.75
N GLN A 184 -22.20 -4.78 -4.87
CA GLN A 184 -23.11 -5.64 -5.68
C GLN A 184 -22.44 -6.87 -6.24
N LEU A 185 -21.28 -6.68 -6.82
CA LEU A 185 -20.51 -7.80 -7.33
C LEU A 185 -20.15 -8.75 -6.21
N TYR A 186 -19.68 -8.20 -5.10
CA TYR A 186 -19.22 -9.05 -4.01
C TYR A 186 -20.42 -9.90 -3.49
N ARG A 187 -21.58 -9.28 -3.38
CA ARG A 187 -22.78 -10.01 -2.92
C ARG A 187 -23.13 -11.14 -3.90
N SER A 188 -23.13 -10.79 -5.18
CA SER A 188 -23.38 -11.76 -6.22
C SER A 188 -22.42 -12.94 -6.11
N ARG A 189 -21.14 -12.67 -5.88
CA ARG A 189 -20.17 -13.77 -5.71
C ARG A 189 -20.38 -14.60 -4.45
N MET A 190 -20.71 -13.93 -3.35
CA MET A 190 -21.07 -14.65 -2.12
C MET A 190 -22.22 -15.61 -2.34
N ASN A 191 -23.26 -15.14 -3.01
CA ASN A 191 -24.43 -15.97 -3.27
C ASN A 191 -24.22 -17.17 -4.18
N SER A 192 -23.09 -17.22 -4.86
CA SER A 192 -22.73 -18.29 -5.78
C SER A 192 -21.89 -19.33 -5.07
N LEU A 193 -21.48 -19.06 -3.83
CA LEU A 193 -20.77 -20.08 -3.09
C LEU A 193 -21.72 -21.25 -2.81
N GLU A 194 -21.23 -22.47 -2.90
CA GLU A 194 -22.05 -23.66 -2.67
C GLU A 194 -21.62 -24.31 -1.40
N MET A 195 -22.59 -24.61 -0.55
CA MET A 195 -22.28 -25.17 0.75
C MET A 195 -23.44 -26.01 1.23
N THR A 196 -23.14 -26.99 2.06
CA THR A 196 -24.19 -27.80 2.75
C THR A 196 -25.01 -26.93 3.71
N PRO A 197 -26.24 -27.33 4.05
CA PRO A 197 -27.01 -26.55 5.05
C PRO A 197 -26.29 -26.37 6.39
N ALA A 198 -25.55 -27.37 6.86
CA ALA A 198 -24.86 -27.26 8.15
C ALA A 198 -23.77 -26.18 8.08
N VAL A 199 -23.05 -26.17 6.96
CA VAL A 199 -22.04 -25.16 6.73
C VAL A 199 -22.65 -23.77 6.61
N ARG A 200 -23.70 -23.62 5.84
CA ARG A 200 -24.35 -22.32 5.73
C ARG A 200 -24.78 -21.79 7.10
N GLN A 201 -25.28 -22.64 7.99
CA GLN A 201 -25.62 -22.17 9.34
C GLN A 201 -24.41 -21.67 10.08
N ARG A 202 -23.32 -22.40 9.98
CA ARG A 202 -22.08 -22.02 10.61
C ARG A 202 -21.45 -20.70 10.06
N VAL A 203 -21.67 -20.40 8.78
CA VAL A 203 -21.21 -19.13 8.16
C VAL A 203 -21.93 -17.95 8.78
N ILE A 204 -23.26 -18.10 8.87
CA ILE A 204 -24.12 -17.10 9.51
C ILE A 204 -23.74 -16.87 10.97
N GLU A 205 -23.54 -17.97 11.71
CA GLU A 205 -23.10 -17.84 13.09
C GLU A 205 -21.72 -17.16 13.16
N GLU A 206 -20.86 -17.45 12.20
CA GLU A 206 -19.51 -16.93 12.22
C GLU A 206 -19.52 -15.43 12.01
N ALA A 207 -20.41 -14.95 11.16
CA ALA A 207 -20.61 -13.51 11.01
C ALA A 207 -20.96 -12.87 12.33
N LYS A 208 -21.84 -13.52 13.11
CA LYS A 208 -22.17 -12.96 14.43
C LYS A 208 -20.97 -12.98 15.35
N THR A 209 -20.19 -14.06 15.31
CA THR A 209 -18.97 -14.10 16.07
C THR A 209 -18.03 -12.95 15.69
N ALA A 210 -17.93 -12.63 14.41
CA ALA A 210 -17.06 -11.52 13.98
C ALA A 210 -17.49 -10.20 14.61
N PHE A 211 -18.79 -9.91 14.58
CA PHE A 211 -19.28 -8.71 15.24
C PHE A 211 -18.95 -8.70 16.73
N LEU A 212 -19.09 -9.86 17.38
CA LEU A 212 -18.83 -9.95 18.83
C LEU A 212 -17.37 -9.74 19.15
N LEU A 213 -16.49 -10.24 18.28
CA LEU A 213 -15.06 -10.00 18.43
C LEU A 213 -14.76 -8.49 18.34
N ASN A 214 -15.46 -7.79 17.45
CA ASN A 214 -15.34 -6.32 17.35
C ASN A 214 -15.87 -5.58 18.58
N ILE A 215 -17.02 -6.01 19.10
CA ILE A 215 -17.62 -5.42 20.29
C ILE A 215 -16.67 -5.57 21.48
N GLN A 216 -16.11 -6.76 21.65
CA GLN A 216 -15.17 -7.02 22.72
C GLN A 216 -13.92 -6.18 22.54
N LEU A 217 -13.46 -6.01 21.30
CA LEU A 217 -12.32 -5.12 21.05
C LEU A 217 -12.60 -3.71 21.52
N PHE A 218 -13.74 -3.16 21.11
CA PHE A 218 -14.10 -1.80 21.47
C PHE A 218 -14.26 -1.63 22.96
N GLU A 219 -14.85 -2.59 23.62
CA GLU A 219 -14.96 -2.54 25.10
C GLU A 219 -13.58 -2.52 25.74
N GLU A 220 -12.63 -3.29 25.20
CA GLU A 220 -11.28 -3.25 25.73
C GLU A 220 -10.61 -1.92 25.52
N LEU A 221 -10.79 -1.34 24.33
CA LEU A 221 -10.03 -0.11 24.03
C LEU A 221 -10.52 1.02 24.94
N GLN A 222 -11.82 1.04 25.19
CA GLN A 222 -12.40 2.01 26.11
C GLN A 222 -11.83 1.85 27.52
N GLU A 223 -11.78 0.64 28.06
CA GLU A 223 -11.18 0.44 29.36
CA GLU A 223 -11.16 0.43 29.36
C GLU A 223 -9.69 0.89 29.39
N LEU A 224 -8.92 0.61 28.35
CA LEU A 224 -7.50 1.01 28.31
C LEU A 224 -7.37 2.53 28.31
N LEU A 225 -8.32 3.18 27.67
CA LEU A 225 -8.27 4.64 27.57
C LEU A 225 -8.84 5.36 28.78
N THR A 226 -9.70 4.72 29.55
CA THR A 226 -10.36 5.43 30.65
C THR A 226 -10.16 4.84 32.04
N HIS A 227 -9.53 3.68 32.17
CA HIS A 227 -9.45 3.04 33.50
C HIS A 227 -8.94 4.06 34.53
N PRO B 14 36.90 0.39 -10.05
CA PRO B 14 36.32 0.13 -8.72
C PRO B 14 35.89 -1.31 -8.56
N GLN B 15 36.12 -1.86 -7.39
CA GLN B 15 35.94 -3.31 -7.20
C GLN B 15 34.49 -3.72 -6.95
N ASP B 16 33.88 -3.11 -5.95
CA ASP B 16 32.50 -3.37 -5.62
C ASP B 16 31.54 -2.77 -6.66
N LEU B 17 30.56 -3.57 -7.08
CA LEU B 17 29.57 -3.15 -8.05
C LEU B 17 28.86 -1.87 -7.64
N SER B 18 28.47 -1.73 -6.37
CA SER B 18 27.83 -0.47 -5.90
C SER B 18 28.72 0.76 -6.05
N GLU B 19 30.02 0.58 -5.81
CA GLU B 19 31.01 1.62 -6.02
C GLU B 19 31.18 1.98 -7.49
N ALA B 20 31.23 0.95 -8.33
CA ALA B 20 31.40 1.16 -9.76
C ALA B 20 30.17 1.86 -10.35
N LEU B 21 28.99 1.46 -9.87
CA LEU B 21 27.74 2.08 -10.31
C LEU B 21 27.73 3.58 -10.00
N LYS B 22 28.03 3.89 -8.73
CA LYS B 22 28.04 5.26 -8.25
C LYS B 22 29.01 6.13 -9.03
N GLU B 23 30.22 5.62 -9.26
CA GLU B 23 31.24 6.35 -10.03
C GLU B 23 30.84 6.52 -11.49
N ALA B 24 30.36 5.45 -12.12
CA ALA B 24 30.02 5.50 -13.54
C ALA B 24 28.76 6.35 -13.89
N THR B 25 27.84 6.50 -12.95
CA THR B 25 26.59 7.24 -13.23
C THR B 25 26.61 8.62 -12.62
N LYS B 26 27.74 9.05 -12.07
CA LYS B 26 27.81 10.34 -11.41
C LYS B 26 27.46 11.48 -12.35
N GLU B 27 27.93 11.38 -13.59
CA GLU B 27 27.68 12.42 -14.57
C GLU B 27 26.20 12.46 -14.97
N VAL B 28 25.62 11.33 -15.41
CA VAL B 28 24.20 11.35 -15.79
C VAL B 28 23.30 11.69 -14.60
N ARG B 29 23.69 11.28 -13.39
CA ARG B 29 22.95 11.59 -12.19
C ARG B 29 22.90 13.09 -11.95
N THR B 30 24.00 13.78 -12.22
CA THR B 30 24.05 15.23 -12.06
C THR B 30 23.16 15.87 -13.10
N GLN B 31 23.21 15.30 -14.30
CA GLN B 31 22.32 15.76 -15.38
C GLN B 31 20.85 15.65 -15.02
N ALA B 32 20.47 14.55 -14.36
CA ALA B 32 19.10 14.34 -13.91
C ALA B 32 18.69 15.39 -12.88
N GLU B 33 19.56 15.65 -11.90
CA GLU B 33 19.33 16.71 -10.90
C GLU B 33 19.24 18.12 -11.50
N ASN B 34 19.95 18.33 -12.60
CA ASN B 34 19.97 19.61 -13.29
C ASN B 34 18.83 19.79 -14.25
N ALA B 35 18.10 18.73 -14.59
CA ALA B 35 16.94 18.88 -15.48
C ALA B 35 16.00 19.95 -14.88
N GLU B 36 15.48 20.83 -15.71
CA GLU B 36 14.67 21.97 -15.25
C GLU B 36 13.53 21.64 -14.26
N PHE B 37 12.74 20.62 -14.58
CA PHE B 37 11.69 20.16 -13.70
C PHE B 37 12.19 19.77 -12.30
N MET B 38 13.28 19.02 -12.21
CA MET B 38 13.87 18.67 -10.92
C MET B 38 14.56 19.82 -10.20
N ARG B 39 15.26 20.67 -10.95
CA ARG B 39 15.80 21.91 -10.37
C ARG B 39 14.72 22.72 -9.66
N ASN B 40 13.61 22.92 -10.35
CA ASN B 40 12.50 23.60 -9.73
C ASN B 40 11.95 22.85 -8.55
N PHE B 41 11.75 21.55 -8.71
CA PHE B 41 11.24 20.77 -7.61
C PHE B 41 12.16 21.00 -6.38
N GLN B 42 13.48 20.86 -6.59
CA GLN B 42 14.48 21.05 -5.49
C GLN B 42 14.35 22.42 -4.79
N LYS B 43 13.94 23.44 -5.54
CA LYS B 43 13.80 24.80 -5.06
C LYS B 43 12.39 25.15 -4.62
N GLY B 44 11.60 24.13 -4.32
CA GLY B 44 10.25 24.37 -3.81
C GLY B 44 9.30 24.95 -4.82
N GLN B 45 9.72 25.04 -6.09
CA GLN B 45 8.85 25.49 -7.17
C GLN B 45 8.29 24.24 -7.90
N VAL B 46 7.14 23.79 -7.45
CA VAL B 46 6.49 22.60 -8.02
C VAL B 46 5.03 22.91 -7.84
N THR B 47 4.24 22.62 -8.85
CA THR B 47 2.82 22.92 -8.80
C THR B 47 2.08 21.59 -8.55
N ARG B 48 0.81 21.66 -8.19
CA ARG B 48 -0.05 20.50 -8.13
C ARG B 48 -0.13 19.77 -9.47
N ASP B 49 -0.23 20.51 -10.58
CA ASP B 49 -0.27 19.85 -11.89
C ASP B 49 1.01 19.11 -12.23
N GLY B 50 2.13 19.65 -11.81
CA GLY B 50 3.43 19.01 -12.05
C GLY B 50 3.63 17.81 -11.16
N PHE B 51 3.30 17.96 -9.89
CA PHE B 51 3.43 16.86 -8.94
C PHE B 51 2.52 15.69 -9.35
N LYS B 52 1.32 15.99 -9.78
CA LYS B 52 0.42 14.97 -10.29
C LYS B 52 1.03 14.16 -11.42
N LEU B 53 1.65 14.86 -12.35
CA LEU B 53 2.24 14.20 -13.50
C LEU B 53 3.40 13.34 -13.14
N VAL B 54 4.20 13.75 -12.17
CA VAL B 54 5.30 12.87 -11.75
C VAL B 54 4.80 11.65 -10.98
N MET B 55 3.76 11.80 -10.17
CA MET B 55 3.18 10.65 -9.49
C MET B 55 2.57 9.64 -10.49
N ALA B 56 1.82 10.14 -11.49
CA ALA B 56 1.33 9.29 -12.58
C ALA B 56 2.51 8.58 -13.26
N SER B 57 3.58 9.30 -13.59
CA SER B 57 4.79 8.66 -14.13
C SER B 57 5.33 7.50 -13.28
N LEU B 58 5.56 7.78 -12.01
CA LEU B 58 6.14 6.77 -11.12
C LEU B 58 5.22 5.54 -11.03
N TYR B 59 3.91 5.75 -11.04
CA TYR B 59 2.98 4.63 -11.04
C TYR B 59 3.26 3.71 -12.24
N HIS B 60 3.34 4.29 -13.44
CA HIS B 60 3.56 3.43 -14.62
C HIS B 60 4.89 2.72 -14.56
N ILE B 61 5.90 3.44 -14.09
CA ILE B 61 7.26 2.92 -14.04
C ILE B 61 7.34 1.78 -13.03
N TYR B 62 6.78 1.99 -11.84
CA TYR B 62 6.82 0.95 -10.80
C TYR B 62 5.94 -0.24 -11.08
N VAL B 63 4.81 -0.03 -11.73
CA VAL B 63 4.01 -1.19 -12.22
C VAL B 63 4.87 -2.14 -13.12
N ALA B 64 5.65 -1.55 -14.04
CA ALA B 64 6.44 -2.32 -14.98
C ALA B 64 7.62 -2.98 -14.30
N LEU B 65 8.35 -2.20 -13.49
CA LEU B 65 9.49 -2.72 -12.74
C LEU B 65 9.09 -3.86 -11.82
N GLU B 66 8.00 -3.69 -11.08
CA GLU B 66 7.59 -4.71 -10.11
C GLU B 66 7.01 -5.94 -10.78
N GLU B 67 6.37 -5.75 -11.92
CA GLU B 67 5.97 -6.88 -12.72
C GLU B 67 7.20 -7.75 -13.12
N GLU B 68 8.25 -7.09 -13.57
CA GLU B 68 9.45 -7.79 -14.04
C GLU B 68 10.30 -8.34 -12.89
N ILE B 69 10.26 -7.71 -11.71
CA ILE B 69 10.90 -8.28 -10.56
C ILE B 69 10.17 -9.61 -10.21
N GLU B 70 8.86 -9.62 -10.22
CA GLU B 70 8.10 -10.84 -9.92
C GLU B 70 8.42 -11.97 -10.88
N ARG B 71 8.48 -11.68 -12.18
CA ARG B 71 8.86 -12.70 -13.14
C ARG B 71 10.24 -13.28 -12.83
N ASN B 72 11.17 -12.46 -12.36
CA ASN B 72 12.56 -12.88 -12.21
C ASN B 72 13.06 -13.14 -10.79
N LYS B 73 12.14 -13.16 -9.82
CA LYS B 73 12.56 -13.12 -8.42
C LYS B 73 13.43 -14.32 -7.98
N GLU B 74 13.23 -15.46 -8.64
CA GLU B 74 13.99 -16.67 -8.30
C GLU B 74 15.22 -16.90 -9.13
N SER B 75 15.42 -16.13 -10.21
CA SER B 75 16.62 -16.28 -11.01
C SER B 75 17.87 -15.91 -10.24
N PRO B 76 18.96 -16.64 -10.46
CA PRO B 76 20.20 -16.27 -9.77
C PRO B 76 20.69 -14.86 -10.11
N VAL B 77 20.25 -14.30 -11.22
CA VAL B 77 20.68 -12.93 -11.60
C VAL B 77 19.94 -11.78 -10.87
N PHE B 78 18.91 -12.10 -10.07
CA PHE B 78 18.17 -11.10 -9.26
C PHE B 78 17.86 -11.50 -7.80
N ALA B 79 17.60 -12.79 -7.56
CA ALA B 79 17.16 -13.24 -6.25
C ALA B 79 17.82 -12.56 -5.07
N PRO B 80 19.14 -12.32 -5.10
CA PRO B 80 19.78 -11.73 -3.91
C PRO B 80 19.38 -10.28 -3.55
N VAL B 81 18.80 -9.55 -4.50
CA VAL B 81 18.32 -8.20 -4.25
C VAL B 81 16.80 -8.16 -4.27
N TYR B 82 16.15 -9.31 -4.05
CA TYR B 82 14.72 -9.37 -4.01
C TYR B 82 14.20 -9.01 -2.59
N PHE B 83 13.62 -7.82 -2.45
CA PHE B 83 13.11 -7.34 -1.15
C PHE B 83 11.71 -6.76 -1.36
N PRO B 84 10.74 -7.62 -1.68
CA PRO B 84 9.38 -7.20 -2.02
C PRO B 84 8.65 -6.41 -0.93
N GLU B 85 8.72 -6.87 0.31
CA GLU B 85 8.00 -6.21 1.41
C GLU B 85 8.62 -4.85 1.74
N GLU B 86 9.95 -4.77 1.73
CA GLU B 86 10.63 -3.55 2.09
C GLU B 86 10.44 -2.46 1.05
N LEU B 87 10.35 -2.84 -0.24
CA LEU B 87 10.53 -1.87 -1.28
C LEU B 87 9.30 -1.60 -2.14
N HIS B 88 8.34 -2.50 -2.17
CA HIS B 88 7.26 -2.37 -3.16
C HIS B 88 6.55 -1.01 -3.03
N ARG B 89 6.35 -0.35 -4.18
CA ARG B 89 5.80 0.99 -4.25
C ARG B 89 4.45 1.10 -4.95
N LYS B 90 4.05 0.09 -5.74
CA LYS B 90 2.80 0.15 -6.52
C LYS B 90 1.58 0.47 -5.64
N ALA B 91 1.41 -0.24 -4.53
CA ALA B 91 0.26 0.00 -3.66
C ALA B 91 0.28 1.45 -3.12
N ALA B 92 1.43 1.92 -2.70
CA ALA B 92 1.52 3.32 -2.21
C ALA B 92 1.12 4.31 -3.28
N LEU B 93 1.55 4.07 -4.51
CA LEU B 93 1.15 4.96 -5.61
C LEU B 93 -0.31 4.91 -5.96
N GLU B 94 -0.93 3.72 -5.85
CA GLU B 94 -2.39 3.58 -6.03
C GLU B 94 -3.13 4.44 -5.04
N GLN B 95 -2.72 4.34 -3.77
CA GLN B 95 -3.34 5.16 -2.74
C GLN B 95 -3.18 6.66 -3.08
N ASP B 96 -1.98 7.06 -3.48
CA ASP B 96 -1.76 8.50 -3.76
C ASP B 96 -2.55 8.98 -4.97
N LEU B 97 -2.60 8.19 -6.04
CA LEU B 97 -3.31 8.64 -7.21
C LEU B 97 -4.81 8.77 -6.95
N ALA B 98 -5.40 7.89 -6.14
CA ALA B 98 -6.82 8.07 -5.76
C ALA B 98 -7.03 9.42 -5.14
N PHE B 99 -6.05 9.90 -4.36
CA PHE B 99 -6.13 11.19 -3.81
C PHE B 99 -5.96 12.26 -4.86
N TRP B 100 -4.91 12.16 -5.65
CA TRP B 100 -4.59 13.26 -6.58
C TRP B 100 -5.57 13.35 -7.75
N TYR B 101 -6.06 12.23 -8.24
CA TYR B 101 -6.93 12.28 -9.39
C TYR B 101 -8.34 11.79 -9.11
N GLY B 102 -8.62 11.38 -7.88
CA GLY B 102 -9.98 11.00 -7.52
C GLY B 102 -10.27 9.54 -7.81
N PRO B 103 -11.48 9.09 -7.46
CA PRO B 103 -11.79 7.65 -7.51
C PRO B 103 -11.73 6.99 -8.89
N ARG B 104 -11.80 7.79 -9.96
CA ARG B 104 -11.68 7.27 -11.34
C ARG B 104 -10.28 7.51 -11.89
N TRP B 105 -9.31 7.66 -11.01
CA TRP B 105 -7.90 7.84 -11.40
C TRP B 105 -7.43 6.87 -12.48
N GLN B 106 -7.84 5.61 -12.42
CA GLN B 106 -7.39 4.61 -13.39
C GLN B 106 -7.82 4.94 -14.81
N GLU B 107 -8.94 5.62 -14.96
CA GLU B 107 -9.44 5.95 -16.28
C GLU B 107 -8.90 7.30 -16.78
N VAL B 108 -8.36 8.13 -15.89
CA VAL B 108 -7.94 9.45 -16.31
C VAL B 108 -6.47 9.80 -16.17
N ILE B 109 -5.65 8.98 -15.48
CA ILE B 109 -4.25 9.38 -15.36
C ILE B 109 -3.62 9.36 -16.76
N PRO B 110 -2.72 10.31 -17.06
CA PRO B 110 -2.03 10.28 -18.35
C PRO B 110 -1.00 9.17 -18.46
N TYR B 111 -0.71 8.78 -19.69
CA TYR B 111 0.33 7.82 -20.00
C TYR B 111 1.05 8.33 -21.23
N THR B 112 2.11 9.12 -21.04
CA THR B 112 2.72 9.84 -22.16
C THR B 112 3.77 9.00 -22.91
N PRO B 113 4.20 9.45 -24.12
CA PRO B 113 5.33 8.82 -24.82
C PRO B 113 6.61 8.56 -24.00
N ALA B 114 7.07 9.54 -23.22
CA ALA B 114 8.26 9.34 -22.41
C ALA B 114 8.05 8.31 -21.29
N MET B 115 6.88 8.27 -20.71
CA MET B 115 6.55 7.20 -19.74
C MET B 115 6.58 5.82 -20.40
N GLN B 116 6.01 5.72 -21.60
CA GLN B 116 5.98 4.46 -22.35
C GLN B 116 7.37 3.98 -22.72
N ARG B 117 8.28 4.89 -23.05
CA ARG B 117 9.66 4.54 -23.41
C ARG B 117 10.38 3.91 -22.21
N TYR B 118 10.14 4.46 -21.04
CA TYR B 118 10.71 3.91 -19.81
C TYR B 118 10.14 2.47 -19.54
N VAL B 119 8.82 2.39 -19.59
CA VAL B 119 8.09 1.14 -19.36
C VAL B 119 8.51 0.07 -20.35
N LYS B 120 8.66 0.47 -21.61
CA LYS B 120 9.07 -0.48 -22.67
C LYS B 120 10.46 -1.06 -22.39
N ARG B 121 11.39 -0.19 -22.00
CA ARG B 121 12.72 -0.69 -21.68
C ARG B 121 12.69 -1.68 -20.53
N LEU B 122 11.91 -1.34 -19.48
CA LEU B 122 11.80 -2.16 -18.28
C LEU B 122 11.30 -3.56 -18.66
N HIS B 123 10.30 -3.65 -19.52
CA HIS B 123 9.79 -4.96 -19.96
C HIS B 123 10.78 -5.70 -20.86
N GLU B 124 11.49 -5.00 -21.75
CA GLU B 124 12.56 -5.64 -22.53
C GLU B 124 13.60 -6.25 -21.61
N VAL B 125 14.03 -5.49 -20.62
CA VAL B 125 15.05 -5.97 -19.72
C VAL B 125 14.54 -7.19 -18.96
N GLY B 126 13.35 -7.07 -18.40
CA GLY B 126 12.81 -8.14 -17.61
C GLY B 126 12.53 -9.40 -18.43
N ARG B 127 12.25 -9.24 -19.72
CA ARG B 127 11.90 -10.37 -20.56
C ARG B 127 13.11 -11.00 -21.25
N THR B 128 14.08 -10.20 -21.69
CA THR B 128 15.16 -10.74 -22.52
C THR B 128 16.56 -10.44 -22.01
N GLU B 129 16.73 -9.54 -21.04
CA GLU B 129 18.04 -9.27 -20.48
C GLU B 129 17.96 -9.14 -18.94
N PRO B 130 17.39 -10.15 -18.29
CA PRO B 130 17.07 -10.04 -16.88
C PRO B 130 18.28 -9.79 -15.99
N GLU B 131 19.48 -10.15 -16.47
CA GLU B 131 20.69 -9.82 -15.70
C GLU B 131 20.91 -8.32 -15.53
N LEU B 132 20.21 -7.50 -16.32
CA LEU B 132 20.31 -6.05 -16.21
C LEU B 132 19.23 -5.42 -15.30
N LEU B 133 18.28 -6.22 -14.78
CA LEU B 133 17.15 -5.68 -14.02
C LEU B 133 17.63 -4.95 -12.76
N VAL B 134 18.68 -5.49 -12.14
CA VAL B 134 19.34 -4.92 -10.95
C VAL B 134 19.75 -3.46 -11.15
N ALA B 135 20.14 -3.09 -12.37
CA ALA B 135 20.53 -1.68 -12.67
C ALA B 135 19.34 -0.77 -12.48
N HIS B 136 18.18 -1.21 -12.93
CA HIS B 136 16.97 -0.45 -12.80
C HIS B 136 16.42 -0.41 -11.38
N ALA B 137 16.47 -1.56 -10.69
CA ALA B 137 16.04 -1.66 -9.29
C ALA B 137 16.90 -0.78 -8.40
N TYR B 138 18.22 -0.89 -8.57
CA TYR B 138 19.16 0.06 -7.88
C TYR B 138 18.83 1.56 -8.07
N THR B 139 18.69 1.96 -9.33
CA THR B 139 18.44 3.34 -9.70
C THR B 139 17.18 3.89 -9.03
N ARG B 140 16.10 3.16 -9.20
CA ARG B 140 14.77 3.59 -8.78
C ARG B 140 14.66 3.52 -7.29
N TYR B 141 14.81 2.31 -6.74
CA TYR B 141 14.60 2.09 -5.31
C TYR B 141 15.56 2.87 -4.41
N LEU B 142 16.86 2.76 -4.63
CA LEU B 142 17.81 3.51 -3.81
C LEU B 142 17.78 5.02 -4.01
N GLY B 143 17.62 5.45 -5.24
CA GLY B 143 17.36 6.87 -5.51
C GLY B 143 16.11 7.38 -4.78
N ASP B 144 14.99 6.68 -4.90
CA ASP B 144 13.73 7.12 -4.25
C ASP B 144 13.82 7.04 -2.71
N LEU B 145 14.42 5.97 -2.20
CA LEU B 145 14.60 5.84 -0.77
C LEU B 145 15.50 6.96 -0.22
N SER B 146 16.58 7.25 -0.92
CA SER B 146 17.56 8.26 -0.46
C SER B 146 17.08 9.72 -0.51
N GLY B 147 16.45 10.12 -1.60
CA GLY B 147 15.98 11.49 -1.74
C GLY B 147 14.58 11.75 -1.26
N GLY B 148 13.88 10.72 -0.83
CA GLY B 148 12.47 10.86 -0.52
C GLY B 148 12.19 11.73 0.68
N GLN B 149 12.96 11.58 1.74
CA GLN B 149 12.74 12.41 2.93
C GLN B 149 12.85 13.91 2.58
N VAL B 150 13.91 14.24 1.83
CA VAL B 150 14.17 15.59 1.39
C VAL B 150 13.07 16.13 0.48
N LEU B 151 12.68 15.36 -0.53
CA LEU B 151 11.64 15.77 -1.45
C LEU B 151 10.26 15.80 -0.83
N LYS B 152 10.01 14.91 0.12
CA LYS B 152 8.71 14.91 0.78
C LYS B 152 8.44 16.23 1.50
N LYS B 153 9.44 16.68 2.25
CA LYS B 153 9.36 17.93 3.03
C LYS B 153 9.13 19.13 2.08
N ILE B 154 9.90 19.17 1.01
CA ILE B 154 9.72 20.20 0.00
C ILE B 154 8.30 20.18 -0.57
N ALA B 155 7.81 18.97 -0.90
CA ALA B 155 6.47 18.79 -1.47
C ALA B 155 5.39 19.32 -0.56
N GLN B 156 5.47 18.97 0.72
CA GLN B 156 4.38 19.35 1.63
C GLN B 156 4.33 20.86 1.80
N LYS B 157 5.49 21.51 1.81
CA LYS B 157 5.51 22.98 1.87
C LYS B 157 5.02 23.63 0.58
N ALA B 158 5.39 23.08 -0.57
CA ALA B 158 4.92 23.67 -1.83
C ALA B 158 3.45 23.38 -2.14
N LEU B 159 2.94 22.23 -1.75
CA LEU B 159 1.63 21.82 -2.26
C LEU B 159 0.47 22.25 -1.37
N ASP B 160 0.75 22.55 -0.10
CA ASP B 160 -0.18 23.20 0.80
C ASP B 160 -1.46 22.39 0.88
N LEU B 161 -1.32 21.14 1.31
CA LEU B 161 -2.44 20.19 1.30
C LEU B 161 -3.43 20.43 2.42
N PRO B 162 -4.68 20.05 2.18
CA PRO B 162 -5.59 19.87 3.32
C PRO B 162 -5.03 18.78 4.23
N SER B 163 -5.48 18.75 5.47
CA SER B 163 -4.94 17.81 6.42
C SER B 163 -5.69 16.52 6.32
N SER B 164 -5.72 15.90 5.13
CA SER B 164 -6.63 14.79 4.92
C SER B 164 -5.92 13.47 4.98
N GLY B 165 -4.66 13.47 5.42
CA GLY B 165 -3.98 12.23 5.71
C GLY B 165 -3.68 11.35 4.51
N GLU B 166 -3.58 11.95 3.33
CA GLU B 166 -3.19 11.20 2.13
C GLU B 166 -2.58 12.02 1.00
N GLY B 167 -2.00 11.33 0.03
CA GLY B 167 -1.35 11.97 -1.10
C GLY B 167 0.16 11.79 -1.21
N LEU B 168 0.81 11.40 -0.11
CA LEU B 168 2.28 11.29 -0.10
C LEU B 168 2.79 9.98 0.51
N ALA B 169 1.97 8.92 0.47
CA ALA B 169 2.42 7.61 0.90
C ALA B 169 3.70 7.13 0.16
N PHE B 170 3.84 7.49 -1.12
CA PHE B 170 5.04 7.12 -1.90
C PHE B 170 6.36 7.42 -1.20
N PHE B 171 6.42 8.52 -0.50
CA PHE B 171 7.67 8.92 0.14
C PHE B 171 7.96 8.28 1.48
N THR B 172 7.12 7.36 1.95
CA THR B 172 7.38 6.62 3.19
C THR B 172 7.43 5.16 2.83
N PHE B 173 8.57 4.54 3.11
CA PHE B 173 8.72 3.09 3.00
C PHE B 173 8.48 2.50 4.39
N PRO B 174 7.24 2.07 4.69
CA PRO B 174 6.92 1.68 6.05
C PRO B 174 7.63 0.42 6.56
N ASN B 175 8.08 -0.47 5.66
CA ASN B 175 8.70 -1.70 6.08
C ASN B 175 10.22 -1.62 6.14
N ILE B 176 10.75 -0.41 6.06
CA ILE B 176 12.16 -0.15 6.27
C ILE B 176 12.31 0.72 7.50
N ALA B 177 12.81 0.12 8.59
CA ALA B 177 13.00 0.87 9.86
C ALA B 177 14.13 1.86 9.80
N SER B 178 15.22 1.52 9.12
CA SER B 178 16.34 2.45 8.92
C SER B 178 16.84 2.45 7.47
N ALA B 179 16.76 3.59 6.80
CA ALA B 179 17.19 3.67 5.39
C ALA B 179 18.70 3.39 5.23
N THR B 180 19.50 3.87 6.17
CA THR B 180 20.93 3.68 6.10
C THR B 180 21.31 2.17 6.28
N LYS B 181 20.74 1.45 7.27
CA LYS B 181 20.99 -0.01 7.37
C LYS B 181 20.49 -0.75 6.14
N PHE B 182 19.29 -0.41 5.66
CA PHE B 182 18.76 -1.11 4.49
C PHE B 182 19.66 -0.89 3.29
N LYS B 183 20.11 0.32 3.08
CA LYS B 183 20.98 0.59 1.92
C LYS B 183 22.30 -0.16 1.98
N GLN B 184 22.83 -0.36 3.18
CA GLN B 184 24.04 -1.18 3.37
C GLN B 184 23.80 -2.64 3.00
N LEU B 185 22.71 -3.19 3.52
CA LEU B 185 22.32 -4.54 3.18
C LEU B 185 22.14 -4.67 1.67
N TYR B 186 21.44 -3.73 1.06
CA TYR B 186 21.14 -3.86 -0.36
C TYR B 186 22.45 -3.80 -1.13
N ARG B 187 23.34 -2.91 -0.76
CA ARG B 187 24.66 -2.81 -1.41
C ARG B 187 25.42 -4.11 -1.25
N SER B 188 25.43 -4.62 -0.03
CA SER B 188 26.08 -5.89 0.22
C SER B 188 25.54 -6.99 -0.71
N ARG B 189 24.22 -7.10 -0.84
CA ARG B 189 23.61 -8.10 -1.71
C ARG B 189 23.94 -7.90 -3.18
N MET B 190 23.95 -6.65 -3.64
CA MET B 190 24.37 -6.35 -4.99
C MET B 190 25.82 -6.82 -5.21
N ASN B 191 26.70 -6.49 -4.27
CA ASN B 191 28.13 -6.83 -4.43
C ASN B 191 28.43 -8.31 -4.39
N SER B 192 27.47 -9.12 -3.96
CA SER B 192 27.58 -10.57 -3.97
C SER B 192 27.07 -11.20 -5.26
N LEU B 193 26.36 -10.43 -6.11
CA LEU B 193 25.91 -10.99 -7.38
C LEU B 193 27.19 -11.35 -8.13
N GLU B 194 27.24 -12.55 -8.66
CA GLU B 194 28.43 -13.00 -9.34
C GLU B 194 28.16 -12.83 -10.82
N MET B 195 29.06 -12.14 -11.51
CA MET B 195 28.88 -11.89 -12.95
C MET B 195 30.22 -11.80 -13.69
N THR B 196 30.21 -12.18 -14.97
CA THR B 196 31.36 -11.99 -15.85
C THR B 196 31.68 -10.50 -16.01
N PRO B 197 32.89 -10.17 -16.46
CA PRO B 197 33.18 -8.76 -16.76
C PRO B 197 32.25 -8.10 -17.79
N ALA B 198 31.82 -8.82 -18.81
CA ALA B 198 30.98 -8.26 -19.86
C ALA B 198 29.62 -7.93 -19.30
N VAL B 199 29.10 -8.84 -18.47
CA VAL B 199 27.80 -8.64 -17.84
C VAL B 199 27.85 -7.43 -16.91
N ARG B 200 28.86 -7.37 -16.06
CA ARG B 200 29.02 -6.22 -15.21
C ARG B 200 29.15 -4.91 -16.00
N GLN B 201 29.82 -4.93 -17.15
CA GLN B 201 29.86 -3.72 -17.99
C GLN B 201 28.46 -3.33 -18.46
N ARG B 202 27.67 -4.30 -18.88
CA ARG B 202 26.32 -4.01 -19.37
C ARG B 202 25.35 -3.51 -18.29
N VAL B 203 25.55 -3.98 -17.06
CA VAL B 203 24.77 -3.53 -15.91
C VAL B 203 25.03 -2.05 -15.67
N ILE B 204 26.32 -1.70 -15.71
CA ILE B 204 26.77 -0.32 -15.53
C ILE B 204 26.16 0.57 -16.59
N GLU B 205 26.21 0.12 -17.85
CA GLU B 205 25.65 0.91 -18.93
C GLU B 205 24.15 1.03 -18.77
N GLU B 206 23.51 -0.02 -18.26
CA GLU B 206 22.07 -0.01 -18.07
C GLU B 206 21.65 0.98 -17.00
N ALA B 207 22.44 1.08 -15.94
CA ALA B 207 22.23 2.16 -14.96
C ALA B 207 22.24 3.54 -15.61
N LYS B 208 23.18 3.78 -16.53
CA LYS B 208 23.19 5.05 -17.25
C LYS B 208 21.95 5.21 -18.10
N THR B 209 21.52 4.16 -18.76
CA THR B 209 20.28 4.21 -19.52
C THR B 209 19.08 4.58 -18.62
N ALA B 210 19.02 4.03 -17.41
CA ALA B 210 17.93 4.35 -16.48
C ALA B 210 17.89 5.85 -16.17
N PHE B 211 19.04 6.44 -15.86
CA PHE B 211 19.10 7.87 -15.65
C PHE B 211 18.65 8.64 -16.90
N LEU B 212 19.05 8.20 -18.08
CA LEU B 212 18.66 8.88 -19.34
C LEU B 212 17.20 8.83 -19.58
N LEU B 213 16.57 7.69 -19.28
CA LEU B 213 15.15 7.56 -19.40
C LEU B 213 14.43 8.54 -18.45
N ASN B 214 14.98 8.73 -17.26
CA ASN B 214 14.46 9.75 -16.33
C ASN B 214 14.62 11.21 -16.81
N ILE B 215 15.79 11.51 -17.39
CA ILE B 215 16.05 12.85 -17.95
C ILE B 215 15.04 13.17 -19.04
N GLN B 216 14.82 12.22 -19.93
CA GLN B 216 13.87 12.39 -21.02
C GLN B 216 12.46 12.55 -20.52
N LEU B 217 12.11 11.78 -19.51
CA LEU B 217 10.83 11.97 -18.83
C LEU B 217 10.67 13.40 -18.31
N PHE B 218 11.64 13.86 -17.54
CA PHE B 218 11.59 15.22 -16.95
C PHE B 218 11.48 16.31 -18.02
N GLU B 219 12.22 16.14 -19.13
CA GLU B 219 12.12 17.10 -20.23
C GLU B 219 10.72 17.11 -20.81
N GLU B 220 10.11 15.94 -20.97
CA GLU B 220 8.77 15.88 -21.46
C GLU B 220 7.76 16.54 -20.50
N LEU B 221 7.91 16.32 -19.18
CA LEU B 221 6.90 16.83 -18.25
C LEU B 221 6.94 18.35 -18.24
N GLN B 222 8.13 18.90 -18.25
CA GLN B 222 8.32 20.33 -18.32
C GLN B 222 7.69 20.93 -19.56
N GLU B 223 7.91 20.34 -20.73
CA GLU B 223 7.20 20.75 -21.92
C GLU B 223 5.67 20.75 -21.78
N LEU B 224 5.12 19.65 -21.27
CA LEU B 224 3.66 19.49 -21.17
C LEU B 224 3.06 20.52 -20.25
N LEU B 225 3.84 20.92 -19.26
CA LEU B 225 3.36 21.89 -18.27
C LEU B 225 3.45 23.34 -18.68
N THR B 226 4.26 23.65 -19.70
CA THR B 226 4.51 25.06 -19.98
C THR B 226 3.93 25.54 -21.30
N HIS B 227 2.70 25.14 -21.62
CA HIS B 227 2.00 25.71 -22.79
C HIS B 227 1.05 26.87 -22.45
N ASP B 228 0.65 26.91 -21.19
CA ASP B 228 -0.23 27.93 -20.62
C ASP B 228 0.40 29.32 -20.64
CHA BLA C . -22.52 -1.57 5.75
NA BLA C . -21.72 0.24 7.21
C1A BLA C . -22.48 -0.14 6.15
C2A BLA C . -23.07 1.02 5.42
C3A BLA C . -22.66 2.21 6.24
C4A BLA C . -21.80 1.60 7.28
CMA BLA C . -22.97 3.67 6.04
CAA BLA C . -23.92 0.95 4.16
CBA BLA C . -25.36 1.36 4.46
CGA BLA C . -25.91 0.67 5.69
O1A BLA C . -26.30 1.34 6.69
O2A BLA C . -25.97 -0.59 5.63
CHB BLA C . -21.12 2.33 8.40
NB BLA C . -19.42 0.57 8.95
C1B BLA C . -19.95 1.80 9.15
C2B BLA C . -19.33 2.58 10.26
C3B BLA C . -18.28 1.65 10.72
C4B BLA C . -18.43 0.44 9.85
CMB BLA C . -19.66 3.98 10.72
OB BLA C . -17.72 -0.63 9.92
CAB BLA C . -17.35 1.89 11.85
CBB BLA C . -16.60 0.92 12.36
NC BLA C . -20.77 -1.70 10.54
C1C BLA C . -20.43 -1.18 11.74
C2C BLA C . -19.48 -1.96 12.60
C3C BLA C . -19.26 -3.12 11.70
C4C BLA C . -20.10 -2.86 10.49
CMC BLA C . -18.93 -1.65 13.97
OC BLA C . -20.86 -0.05 12.16
CAC BLA C . -18.43 -4.33 11.85
CBC BLA C . -17.60 -4.48 12.83
CHD BLA C . -20.08 -3.79 9.35
ND BLA C . -21.27 -2.42 7.72
C1D BLA C . -20.85 -3.66 8.11
C2D BLA C . -21.14 -4.77 7.19
C3D BLA C . -21.90 -4.10 6.11
C4D BLA C . -21.91 -2.67 6.53
CMD BLA C . -20.83 -6.23 7.34
CAD BLA C . -22.55 -4.71 4.87
CBD BLA C . -24.03 -4.89 5.13
CGD BLA C . -24.65 -5.51 3.91
O1D BLA C . -24.93 -4.70 3.00
O2D BLA C . -24.84 -6.76 3.88
S SO4 D . -20.14 5.15 -4.72
O1 SO4 D . -20.46 5.16 -6.19
O2 SO4 D . -20.70 3.96 -4.06
O3 SO4 D . -20.69 6.36 -4.08
O4 SO4 D . -18.64 5.13 -4.49
CHA BLA E . 21.52 8.84 -3.72
NA BLA E . 20.30 8.62 -5.89
C1A BLA E . 21.17 8.12 -4.98
C2A BLA E . 21.65 6.74 -5.34
C3A BLA E . 20.96 6.46 -6.63
C4A BLA E . 20.20 7.72 -6.91
CMA BLA E . 21.07 5.24 -7.49
CAA BLA E . 22.59 5.86 -4.56
CBA BLA E . 24.09 6.17 -4.84
CGA BLA E . 24.92 4.93 -4.50
O1A BLA E . 25.51 4.26 -5.42
O2A BLA E . 25.00 4.57 -3.29
CHB BLA E . 19.30 7.99 -8.06
NB BLA E . 19.04 10.46 -7.91
C1B BLA E . 18.74 9.29 -8.52
C2B BLA E . 17.82 9.45 -9.71
C3B BLA E . 17.57 10.92 -9.70
C4B BLA E . 18.38 11.43 -8.57
CMB BLA E . 17.30 8.34 -10.64
OB BLA E . 18.41 12.68 -8.23
CAB BLA E . 16.75 11.76 -10.61
CBB BLA E . 16.07 11.20 -11.58
NC BLA E . 17.71 11.38 -5.14
C1C BLA E . 16.64 11.39 -5.96
C2C BLA E . 15.98 12.73 -6.15
C3C BLA E . 16.83 13.58 -5.25
C4C BLA E . 17.85 12.65 -4.70
CMC BLA E . 14.79 13.05 -7.02
OC BLA E . 16.25 10.34 -6.57
CAC BLA E . 16.80 15.03 -4.91
CBC BLA E . 16.02 15.90 -5.51
CHD BLA E . 18.95 13.06 -3.81
ND BLA E . 20.14 10.93 -3.98
C1D BLA E . 19.89 12.06 -3.26
C2D BLA E . 20.60 12.13 -1.96
C3D BLA E . 21.34 10.85 -1.92
C4D BLA E . 21.00 10.18 -3.23
CMD BLA E . 20.53 13.26 -0.96
CAD BLA E . 22.25 10.33 -0.82
CBD BLA E . 23.67 10.88 -0.88
CGD BLA E . 24.29 10.64 -2.24
O1D BLA E . 24.63 9.48 -2.57
O2D BLA E . 24.45 11.63 -2.98
#